data_1THR
#
_entry.id   1THR
#
_cell.length_a   71.430
_cell.length_b   72.320
_cell.length_c   72.810
_cell.angle_alpha   90.00
_cell.angle_beta   100.55
_cell.angle_gamma   90.00
#
_symmetry.space_group_name_H-M   'C 1 2 1'
#
loop_
_entity.id
_entity.type
_entity.pdbx_description
1 polymer 'ALPHA-THROMBIN (SMALL SUBUNIT)'
2 polymer 'ALPHA-THROMBIN (LARGE SUBUNIT)'
3 polymer HIRULLIN
4 water water
#
loop_
_entity_poly.entity_id
_entity_poly.type
_entity_poly.pdbx_seq_one_letter_code
_entity_poly.pdbx_strand_id
1 'polypeptide(L)' TFGSGEADCGLRPLFEKKSLEDKTERELLESYIDGR L
2 'polypeptide(L)'
;IVEGSDAEIGMSPWQVMLFRKSPQELLCGASLISDRWVLTAAHCLLYPPWDKNFTENDLLVRIGKHSRTRYERNIEKISM
LEKIYIHPRYNWRENLDRDIALMKLKKPVAFSDYIHPVCLPDRETAASLLQAGYKGRVTGWGNLKETWTANVGKGQPSVL
QVVNLPIVERPVCKDSTRIRITDNMFCAGYKPDEGKRGDACEGDSGGPFVMKSPFNNRWYQMGIVSWGEGCDRDGKYGFY
THVFRLKKWIQKVIDQFGE
;
H
3 'polypeptide(L)' SDFEEFSLDDIEQ I
#
# COMPACT_ATOMS: atom_id res chain seq x y z
N ALA A 7 -0.09 -13.85 -12.77
CA ALA A 7 -0.71 -14.47 -13.95
C ALA A 7 -2.24 -14.35 -13.97
N ASP A 8 -2.69 -14.29 -12.74
CA ASP A 8 -4.06 -14.17 -12.24
C ASP A 8 -4.21 -12.93 -11.33
N CYS A 9 -3.13 -12.16 -11.32
CA CYS A 9 -2.95 -10.94 -10.54
C CYS A 9 -4.08 -9.95 -10.78
N GLY A 10 -4.40 -9.23 -9.72
CA GLY A 10 -5.42 -8.20 -9.86
C GLY A 10 -6.84 -8.65 -10.14
N LEU A 11 -7.16 -9.96 -10.19
CA LEU A 11 -8.50 -10.50 -10.37
C LEU A 11 -8.92 -11.07 -9.01
N ARG A 12 -9.84 -10.36 -8.41
CA ARG A 12 -10.32 -10.68 -7.06
C ARG A 12 -11.31 -11.84 -7.00
N PRO A 13 -10.99 -12.80 -6.15
CA PRO A 13 -11.86 -13.98 -5.95
C PRO A 13 -13.27 -13.57 -5.65
N LEU A 14 -13.60 -12.59 -4.81
CA LEU A 14 -15.02 -12.22 -4.53
C LEU A 14 -15.61 -11.14 -5.42
N PHE A 15 -14.92 -10.65 -6.44
CA PHE A 15 -15.59 -9.57 -7.23
C PHE A 15 -15.35 -9.90 -8.72
N GLU A 16 -14.15 -9.66 -9.26
CA GLU A 16 -13.85 -9.93 -10.66
C GLU A 16 -14.22 -11.36 -11.04
N LYS A 17 -13.63 -12.36 -10.39
CA LYS A 17 -13.94 -13.77 -10.62
C LYS A 17 -15.42 -14.15 -10.55
N LYS A 18 -16.39 -13.41 -10.02
CA LYS A 18 -17.78 -13.80 -10.00
C LYS A 18 -18.59 -12.69 -10.69
N SER A 19 -17.88 -11.76 -11.28
CA SER A 19 -18.58 -10.64 -11.99
C SER A 19 -19.41 -9.79 -11.03
N LEU A 20 -18.88 -9.58 -9.81
CA LEU A 20 -19.55 -8.71 -8.84
C LEU A 20 -18.65 -7.45 -8.79
N GLU A 21 -19.25 -6.33 -8.56
CA GLU A 21 -18.46 -5.09 -8.47
C GLU A 21 -18.68 -4.49 -7.09
N ASP A 22 -17.58 -3.93 -6.55
CA ASP A 22 -17.50 -3.28 -5.23
C ASP A 22 -18.29 -1.96 -5.26
N LYS A 23 -18.60 -1.45 -4.10
CA LYS A 23 -19.46 -0.29 -4.04
C LYS A 23 -18.89 1.01 -4.57
N THR A 24 -17.58 1.15 -4.75
CA THR A 24 -17.10 2.46 -5.24
C THR A 24 -16.20 2.29 -6.47
N GLU A 25 -16.07 1.05 -6.94
CA GLU A 25 -15.19 0.96 -8.13
C GLU A 25 -15.75 1.79 -9.27
N ARG A 26 -17.05 1.99 -9.41
CA ARG A 26 -17.53 2.81 -10.55
C ARG A 26 -16.97 4.25 -10.58
N GLU A 27 -16.71 4.77 -9.38
CA GLU A 27 -16.14 6.12 -9.25
C GLU A 27 -14.79 6.20 -9.97
N LEU A 28 -13.99 5.17 -9.88
CA LEU A 28 -12.70 5.05 -10.56
C LEU A 28 -12.85 5.05 -12.09
N LEU A 29 -13.63 4.16 -12.63
CA LEU A 29 -13.75 3.95 -14.08
C LEU A 29 -14.34 5.19 -14.72
N GLU A 30 -15.23 5.81 -13.98
CA GLU A 30 -15.84 7.04 -14.43
C GLU A 30 -14.78 8.14 -14.43
N SER A 31 -13.69 8.09 -13.69
CA SER A 31 -12.72 9.20 -13.72
C SER A 31 -11.91 9.12 -15.02
N TYR A 32 -11.97 7.91 -15.54
CA TYR A 32 -11.36 7.63 -16.84
C TYR A 32 -12.52 7.61 -17.95
N ILE A 33 -13.78 7.90 -17.85
N ILE B 1 -6.38 6.14 7.18
CA ILE B 1 -7.19 6.87 6.22
C ILE B 1 -8.08 7.88 6.95
N VAL B 2 -8.16 9.10 6.44
CA VAL B 2 -9.01 10.19 6.87
C VAL B 2 -10.14 10.37 5.84
N GLU B 3 -11.41 10.39 6.28
CA GLU B 3 -12.54 10.54 5.39
C GLU B 3 -12.73 9.37 4.43
N GLY B 4 -12.39 8.18 4.81
CA GLY B 4 -12.54 6.94 4.04
C GLY B 4 -13.79 6.16 4.51
N SER B 5 -13.92 4.94 4.02
CA SER B 5 -15.02 4.04 4.39
C SER B 5 -14.41 2.69 4.78
N ASP B 6 -15.33 1.95 5.36
CA ASP B 6 -14.96 0.56 5.80
C ASP B 6 -14.77 -0.29 4.56
N ALA B 7 -13.71 -1.00 4.33
CA ALA B 7 -13.64 -1.81 3.10
C ALA B 7 -14.72 -2.91 3.24
N GLU B 8 -15.08 -3.52 2.13
CA GLU B 8 -15.93 -4.67 1.91
C GLU B 8 -15.01 -5.87 2.12
N ILE B 9 -15.54 -7.02 2.49
CA ILE B 9 -14.69 -8.21 2.67
C ILE B 9 -14.19 -8.62 1.25
N GLY B 10 -12.91 -8.90 1.22
CA GLY B 10 -12.14 -9.31 0.06
C GLY B 10 -11.95 -8.23 -1.04
N MET B 11 -12.12 -6.99 -0.73
CA MET B 11 -12.02 -5.79 -1.58
C MET B 11 -10.58 -5.47 -1.97
N SER B 12 -9.65 -5.70 -1.10
CA SER B 12 -8.19 -5.45 -1.25
C SER B 12 -7.40 -6.65 -0.76
N PRO B 13 -7.49 -7.75 -1.51
CA PRO B 13 -6.88 -9.02 -1.08
C PRO B 13 -5.38 -9.09 -1.04
N TRP B 14 -4.78 -8.04 -1.60
CA TRP B 14 -3.30 -7.94 -1.66
C TRP B 14 -2.81 -7.12 -0.44
N GLN B 15 -3.76 -6.54 0.28
CA GLN B 15 -3.38 -5.71 1.46
C GLN B 15 -2.66 -6.55 2.52
N VAL B 16 -1.53 -6.09 3.01
CA VAL B 16 -0.75 -6.74 4.06
C VAL B 16 -0.53 -5.81 5.25
N MET B 17 -0.45 -6.32 6.48
CA MET B 17 -0.15 -5.48 7.69
C MET B 17 1.31 -5.78 8.06
N LEU B 18 2.05 -4.76 8.40
CA LEU B 18 3.49 -4.90 8.79
C LEU B 18 3.36 -4.77 10.33
N PHE B 19 3.82 -5.87 10.90
CA PHE B 19 3.62 -6.06 12.34
C PHE B 19 4.84 -6.32 13.21
N ARG B 20 4.93 -5.42 14.19
CA ARG B 20 6.02 -5.50 15.17
C ARG B 20 5.74 -6.59 16.22
N LYS B 21 6.70 -7.48 16.33
CA LYS B 21 6.62 -8.57 17.33
C LYS B 21 6.48 -7.94 18.72
N SER B 22 7.43 -7.22 19.28
CA SER B 22 7.25 -6.64 20.61
C SER B 22 7.92 -5.28 20.75
N PRO B 23 7.17 -4.28 21.19
CA PRO B 23 5.75 -4.42 21.53
C PRO B 23 5.04 -4.82 20.22
N GLN B 24 3.84 -5.35 20.37
CA GLN B 24 3.05 -5.75 19.19
C GLN B 24 2.53 -4.38 18.72
N GLU B 25 2.66 -4.10 17.43
CA GLU B 25 2.17 -2.79 16.93
C GLU B 25 2.18 -2.77 15.40
N LEU B 26 1.24 -2.05 14.84
CA LEU B 26 1.16 -1.93 13.38
C LEU B 26 2.29 -0.98 13.00
N LEU B 27 3.21 -1.40 12.18
CA LEU B 27 4.29 -0.53 11.68
C LEU B 27 3.71 0.22 10.47
N CYS B 28 3.23 -0.48 9.43
CA CYS B 28 2.72 0.10 8.15
C CYS B 28 1.88 -0.93 7.40
N GLY B 29 1.45 -0.61 6.21
CA GLY B 29 0.76 -1.33 5.15
C GLY B 29 1.92 -1.84 4.27
N ALA B 30 1.51 -2.71 3.36
CA ALA B 30 2.39 -3.35 2.39
C ALA B 30 1.41 -4.04 1.43
N SER B 31 2.03 -4.65 0.40
CA SER B 31 1.15 -5.36 -0.55
C SER B 31 1.78 -6.67 -1.07
N LEU B 32 0.91 -7.61 -1.41
CA LEU B 32 1.35 -8.93 -1.94
C LEU B 32 1.32 -8.90 -3.49
N ILE B 33 2.55 -9.13 -3.95
CA ILE B 33 2.82 -9.13 -5.40
C ILE B 33 3.01 -10.55 -5.94
N SER B 34 3.18 -11.46 -5.00
CA SER B 34 3.26 -12.88 -5.36
C SER B 34 3.12 -13.67 -4.07
N ASP B 35 3.12 -14.99 -4.17
CA ASP B 35 2.91 -15.87 -3.01
C ASP B 35 4.11 -15.87 -2.09
N ARG B 36 5.16 -15.17 -2.51
CA ARG B 36 6.41 -15.12 -1.72
C ARG B 36 7.01 -13.72 -1.56
N TRP B 37 6.44 -12.69 -2.18
CA TRP B 37 6.98 -11.32 -2.20
C TRP B 37 5.97 -10.24 -1.81
N VAL B 38 6.51 -9.38 -0.94
CA VAL B 38 5.71 -8.25 -0.42
C VAL B 38 6.55 -7.00 -0.71
N LEU B 39 5.86 -5.95 -1.06
CA LEU B 39 6.32 -4.59 -1.44
C LEU B 39 5.79 -3.52 -0.48
N THR B 40 6.73 -2.72 -0.04
CA THR B 40 6.38 -1.65 0.94
C THR B 40 7.30 -0.45 0.70
N ALA B 41 7.14 0.57 1.54
CA ALA B 41 7.94 1.82 1.49
C ALA B 41 9.23 1.60 2.27
N ALA B 42 10.40 1.94 1.74
CA ALA B 42 11.66 1.78 2.55
C ALA B 42 11.58 2.55 3.90
N HIS B 43 10.95 3.71 4.03
CA HIS B 43 10.82 4.42 5.31
C HIS B 43 10.09 3.63 6.43
N CYS B 44 9.50 2.50 6.10
CA CYS B 44 8.86 1.62 7.12
C CYS B 44 9.94 0.77 7.82
N LEU B 45 11.05 0.48 7.18
CA LEU B 45 12.12 -0.34 7.75
C LEU B 45 13.31 0.43 8.32
N LEU B 46 13.77 1.41 7.56
CA LEU B 46 14.93 2.24 7.78
C LEU B 46 14.68 3.75 7.73
N TYR B 47 14.86 4.33 8.92
CA TYR B 47 14.65 5.77 9.10
C TYR B 47 15.52 6.33 10.23
N PRO B 48 16.81 6.42 9.97
CA PRO B 48 17.81 6.90 10.93
C PRO B 48 17.55 8.11 11.80
N PRO B 49 17.00 9.16 11.23
CA PRO B 49 16.73 10.36 12.01
C PRO B 49 15.94 10.01 13.28
N TRP B 50 15.27 8.88 13.19
CA TRP B 50 14.43 8.39 14.28
C TRP B 50 14.99 7.06 14.77
N ASP B 51 16.24 6.77 14.53
CA ASP B 51 16.79 5.46 14.91
C ASP B 51 15.85 4.31 14.46
N LYS B 52 15.29 4.31 13.27
CA LYS B 52 14.46 3.18 12.83
C LYS B 52 15.36 2.35 11.89
N ASN B 53 15.42 1.06 12.21
CA ASN B 53 16.24 0.15 11.41
C ASN B 53 15.86 -1.30 11.68
N PHE B 54 14.68 -1.65 11.23
CA PHE B 54 14.09 -2.98 11.36
C PHE B 54 14.81 -4.05 10.54
N THR B 55 15.01 -5.20 11.18
CA THR B 55 15.60 -6.40 10.58
C THR B 55 14.45 -7.42 10.48
N GLU B 56 14.81 -8.45 9.76
CA GLU B 56 13.97 -9.60 9.46
C GLU B 56 13.25 -10.08 10.72
N ASN B 57 14.09 -10.34 11.69
CA ASN B 57 13.71 -10.82 13.00
C ASN B 57 12.70 -9.96 13.77
N ASP B 58 12.76 -8.66 13.51
CA ASP B 58 11.91 -7.76 14.27
C ASP B 58 10.48 -7.76 13.76
N LEU B 59 10.23 -8.44 12.65
CA LEU B 59 8.85 -8.30 12.17
C LEU B 59 8.14 -9.56 11.67
N LEU B 60 6.84 -9.36 11.66
CA LEU B 60 5.87 -10.32 11.14
C LEU B 60 4.95 -9.63 10.11
N VAL B 61 4.60 -10.39 9.10
CA VAL B 61 3.69 -10.02 8.02
C VAL B 61 2.35 -10.69 8.21
N ARG B 62 1.24 -10.02 8.11
CA ARG B 62 -0.08 -10.53 8.25
C ARG B 62 -0.93 -10.32 7.01
N ILE B 63 -1.27 -11.46 6.37
CA ILE B 63 -2.10 -11.39 5.17
C ILE B 63 -3.54 -11.86 5.25
N GLY B 64 -4.49 -11.19 4.62
CA GLY B 64 -5.88 -11.67 4.60
C GLY B 64 -6.75 -11.06 5.68
N LYS B 65 -6.31 -9.99 6.30
CA LYS B 65 -6.96 -9.24 7.37
C LYS B 65 -8.07 -8.23 7.02
N HIS B 66 -8.94 -8.08 8.03
CA HIS B 66 -10.09 -7.17 7.83
C HIS B 66 -10.07 -6.27 9.07
N SER B 67 -10.09 -6.97 10.20
CA SER B 67 -10.05 -6.25 11.51
C SER B 67 -8.59 -5.88 11.74
N ARG B 68 -8.36 -4.74 12.37
CA ARG B 68 -7.00 -4.28 12.67
C ARG B 68 -6.24 -5.15 13.67
N THR B 69 -6.86 -5.22 14.81
CA THR B 69 -6.56 -5.86 16.08
C THR B 69 -6.95 -7.27 16.41
N ARG B 70 -7.93 -7.83 15.71
CA ARG B 70 -8.30 -9.21 16.03
C ARG B 70 -7.49 -10.20 15.26
N TYR B 71 -7.23 -11.36 15.85
CA TYR B 71 -6.50 -12.46 15.18
C TYR B 71 -7.55 -13.23 14.39
N GLU B 72 -7.68 -13.03 13.08
CA GLU B 72 -8.71 -13.62 12.20
C GLU B 72 -8.43 -15.06 11.86
N ARG B 73 -8.78 -15.85 12.83
CA ARG B 73 -8.69 -17.26 13.11
C ARG B 73 -8.61 -18.16 11.89
N ASN B 74 -9.53 -18.19 10.96
CA ASN B 74 -9.10 -19.15 9.85
C ASN B 74 -9.05 -18.36 8.54
N ILE B 75 -8.86 -17.07 8.55
CA ILE B 75 -8.83 -16.10 7.45
C ILE B 75 -7.39 -15.68 7.13
N GLU B 76 -6.83 -14.99 8.10
CA GLU B 76 -5.47 -14.46 8.07
C GLU B 76 -4.34 -15.46 8.14
N LYS B 77 -3.18 -15.14 7.52
CA LYS B 77 -1.94 -15.92 7.49
C LYS B 77 -0.81 -15.02 8.02
N ILE B 78 -0.05 -15.52 8.97
CA ILE B 78 1.04 -14.73 9.56
C ILE B 78 2.33 -15.37 9.09
N SER B 79 3.25 -14.55 8.55
CA SER B 79 4.51 -15.12 8.09
C SER B 79 5.68 -14.29 8.60
N MET B 80 6.77 -15.02 8.59
CA MET B 80 8.14 -14.65 8.92
C MET B 80 8.79 -14.20 7.59
N LEU B 81 9.77 -13.32 7.74
CA LEU B 81 10.48 -12.83 6.56
C LEU B 81 11.82 -13.57 6.53
N GLU B 82 12.16 -13.82 5.29
CA GLU B 82 13.42 -14.49 4.98
C GLU B 82 14.54 -13.44 4.81
N LYS B 83 14.09 -12.31 4.26
CA LYS B 83 15.00 -11.22 3.89
C LYS B 83 14.35 -9.93 3.41
N ILE B 84 14.98 -8.86 3.81
CA ILE B 84 14.57 -7.50 3.40
C ILE B 84 15.56 -6.99 2.36
N TYR B 85 15.14 -6.17 1.43
CA TYR B 85 15.88 -5.53 0.37
C TYR B 85 15.37 -4.09 0.19
N ILE B 86 16.26 -3.14 0.45
CA ILE B 86 15.98 -1.70 0.34
C ILE B 86 16.58 -1.14 -0.94
N HIS B 87 15.95 -0.27 -1.69
CA HIS B 87 16.56 0.28 -2.91
C HIS B 87 17.88 0.92 -2.45
N PRO B 88 19.00 0.65 -3.11
CA PRO B 88 20.30 1.21 -2.75
C PRO B 88 20.30 2.75 -2.83
N ARG B 89 19.57 3.44 -3.67
CA ARG B 89 19.59 4.91 -3.75
C ARG B 89 18.41 5.61 -3.11
N TYR B 90 17.81 4.89 -2.16
CA TYR B 90 16.67 5.39 -1.35
C TYR B 90 17.23 6.62 -0.57
N ASN B 91 16.64 7.81 -0.70
CA ASN B 91 17.17 9.04 -0.04
C ASN B 91 16.52 9.46 1.27
N TRP B 92 16.96 8.84 2.32
CA TRP B 92 16.31 9.12 3.63
C TRP B 92 16.82 10.48 4.08
N ARG B 93 18.02 10.84 3.66
CA ARG B 93 18.54 12.15 4.10
C ARG B 93 17.74 13.35 3.63
N GLU B 94 17.04 13.35 2.52
CA GLU B 94 16.34 14.60 2.18
C GLU B 94 14.89 14.45 1.79
N ASN B 95 14.59 13.59 0.80
CA ASN B 95 13.15 13.59 0.42
C ASN B 95 12.50 12.22 0.28
N LEU B 96 13.11 11.15 0.82
CA LEU B 96 12.49 9.81 0.66
C LEU B 96 12.33 9.44 -0.82
N ASP B 97 13.34 9.87 -1.59
CA ASP B 97 13.35 9.58 -3.04
C ASP B 97 13.68 8.07 -3.10
N ARG B 98 12.95 7.39 -3.96
CA ARG B 98 13.15 5.91 -4.08
C ARG B 98 12.67 5.19 -2.81
N ASP B 99 11.55 5.63 -2.25
CA ASP B 99 11.00 5.02 -1.02
C ASP B 99 10.33 3.67 -1.36
N ILE B 100 11.10 2.59 -1.49
CA ILE B 100 10.54 1.27 -1.88
C ILE B 100 11.45 0.20 -1.25
N ALA B 101 10.90 -0.95 -0.88
CA ALA B 101 11.60 -2.09 -0.30
C ALA B 101 10.75 -3.31 -0.69
N LEU B 102 11.46 -4.41 -0.78
CA LEU B 102 10.95 -5.76 -1.04
C LEU B 102 11.18 -6.66 0.19
N MET B 103 10.11 -7.42 0.43
CA MET B 103 10.20 -8.40 1.57
C MET B 103 9.87 -9.81 1.04
N LYS B 104 10.83 -10.66 1.16
CA LYS B 104 10.86 -12.09 0.75
C LYS B 104 10.37 -12.92 1.96
N LEU B 105 9.27 -13.60 1.69
CA LEU B 105 8.61 -14.43 2.72
C LEU B 105 9.41 -15.72 2.86
N LYS B 106 9.54 -16.14 4.09
CA LYS B 106 10.23 -17.40 4.41
C LYS B 106 9.65 -18.59 3.66
N LYS B 107 8.36 -18.63 3.44
CA LYS B 107 7.61 -19.68 2.74
C LYS B 107 6.46 -19.07 1.93
N PRO B 108 6.14 -19.62 0.78
CA PRO B 108 5.06 -19.08 -0.05
C PRO B 108 3.75 -19.26 0.72
N VAL B 109 2.83 -18.35 0.45
CA VAL B 109 1.50 -18.27 1.03
C VAL B 109 0.50 -18.77 -0.03
N ALA B 110 -0.59 -19.32 0.50
CA ALA B 110 -1.63 -19.85 -0.38
C ALA B 110 -2.74 -18.82 -0.51
N PHE B 111 -3.14 -18.70 -1.77
CA PHE B 111 -4.19 -17.74 -2.17
C PHE B 111 -5.47 -18.37 -1.66
N SER B 112 -6.48 -17.57 -1.51
CA SER B 112 -7.79 -17.93 -0.97
C SER B 112 -8.68 -16.77 -1.42
N ASP B 113 -9.92 -16.75 -1.02
CA ASP B 113 -10.80 -15.64 -1.32
C ASP B 113 -10.33 -14.29 -0.69
N TYR B 114 -9.53 -14.31 0.34
CA TYR B 114 -9.08 -13.11 1.06
C TYR B 114 -7.61 -12.70 0.86
N ILE B 115 -6.91 -13.53 0.10
CA ILE B 115 -5.49 -13.40 -0.19
C ILE B 115 -5.19 -13.65 -1.68
N HIS B 116 -4.86 -12.54 -2.33
CA HIS B 116 -4.58 -12.52 -3.78
C HIS B 116 -3.69 -11.36 -4.17
N PRO B 117 -2.70 -11.61 -5.02
CA PRO B 117 -1.74 -10.59 -5.46
C PRO B 117 -2.35 -9.59 -6.47
N VAL B 118 -1.75 -8.40 -6.33
CA VAL B 118 -2.11 -7.24 -7.20
C VAL B 118 -1.15 -7.32 -8.43
N CYS B 119 -1.50 -6.70 -9.55
CA CYS B 119 -0.57 -6.67 -10.69
C CYS B 119 0.35 -5.42 -10.60
N LEU B 120 1.55 -5.67 -11.13
CA LEU B 120 2.57 -4.62 -11.31
C LEU B 120 2.26 -4.01 -12.70
N PRO B 121 2.38 -2.69 -12.79
CA PRO B 121 2.08 -2.02 -14.06
C PRO B 121 3.22 -2.28 -15.08
N ASP B 122 2.75 -2.27 -16.32
CA ASP B 122 3.58 -2.32 -17.54
C ASP B 122 3.66 -0.85 -18.03
N ARG B 123 4.66 -0.57 -18.85
CA ARG B 123 4.85 0.79 -19.35
C ARG B 123 3.59 1.41 -19.95
N GLU B 124 2.88 0.59 -20.68
CA GLU B 124 1.64 0.96 -21.37
C GLU B 124 0.55 1.17 -20.35
N THR B 125 0.55 0.36 -19.29
CA THR B 125 -0.56 0.55 -18.31
C THR B 125 -0.30 1.89 -17.62
N ALA B 126 0.96 2.07 -17.26
CA ALA B 126 1.34 3.32 -16.58
C ALA B 126 0.94 4.59 -17.30
N ALA B 127 1.35 4.59 -18.57
CA ALA B 127 1.19 5.67 -19.53
C ALA B 127 -0.28 6.03 -19.64
N SER B 128 -1.13 5.02 -19.84
CA SER B 128 -2.53 5.39 -19.91
C SER B 128 -3.21 5.67 -18.59
N LEU B 129 -2.76 5.15 -17.45
CA LEU B 129 -3.64 5.45 -16.30
C LEU B 129 -3.12 6.58 -15.43
N LEU B 130 -1.82 6.74 -15.45
CA LEU B 130 -1.29 7.81 -14.57
C LEU B 130 -1.57 9.19 -15.15
N GLN B 131 -2.79 9.69 -15.03
CA GLN B 131 -3.18 11.00 -15.52
C GLN B 131 -3.90 11.84 -14.47
N ALA B 132 -3.53 13.11 -14.37
CA ALA B 132 -4.13 14.05 -13.40
C ALA B 132 -5.65 13.97 -13.59
N GLY B 133 -6.38 13.86 -12.47
CA GLY B 133 -7.84 13.70 -12.65
C GLY B 133 -8.32 12.24 -12.53
N TYR B 134 -7.50 11.29 -12.92
CA TYR B 134 -7.83 9.85 -12.81
C TYR B 134 -7.65 9.53 -11.32
N LYS B 135 -8.65 8.81 -10.83
CA LYS B 135 -8.63 8.42 -9.38
C LYS B 135 -8.06 7.03 -9.13
N GLY B 136 -7.31 6.92 -8.07
CA GLY B 136 -6.74 5.65 -7.61
C GLY B 136 -7.35 5.33 -6.24
N ARG B 137 -6.96 4.21 -5.63
CA ARG B 137 -7.56 3.82 -4.31
C ARG B 137 -6.49 3.54 -3.29
N VAL B 138 -6.70 4.08 -2.09
CA VAL B 138 -5.72 3.80 -1.01
C VAL B 138 -6.54 3.07 0.09
N THR B 139 -5.86 2.12 0.68
CA THR B 139 -6.45 1.34 1.76
C THR B 139 -5.47 1.23 2.93
N GLY B 140 -5.93 1.07 4.17
CA GLY B 140 -5.05 0.90 5.33
C GLY B 140 -5.84 0.99 6.61
N TRP B 141 -5.08 0.73 7.65
CA TRP B 141 -5.52 0.69 9.06
C TRP B 141 -4.95 1.84 9.91
N GLY B 142 -4.37 2.86 9.27
CA GLY B 142 -3.76 4.01 9.92
C GLY B 142 -4.86 4.92 10.49
N ASN B 143 -4.34 5.97 11.10
CA ASN B 143 -5.17 6.98 11.73
C ASN B 143 -6.25 7.57 10.83
N LEU B 144 -7.34 7.77 11.54
CA LEU B 144 -8.60 8.34 11.08
C LEU B 144 -8.53 9.87 11.14
N LYS B 145 -7.60 10.35 11.93
CA LYS B 145 -7.40 11.77 12.17
C LYS B 145 -5.92 12.09 12.43
N GLU B 146 -5.56 13.25 11.86
CA GLU B 146 -4.19 13.77 11.97
C GLU B 146 -3.80 13.76 13.45
N THR B 147 -4.87 13.96 14.23
CA THR B 147 -4.77 13.98 15.69
C THR B 147 -6.18 14.22 16.24
N GLY B 155 -9.80 7.59 16.05
CA GLY B 155 -8.36 7.60 15.83
C GLY B 155 -7.91 6.41 14.99
N GLN B 156 -8.12 5.25 15.58
CA GLN B 156 -7.79 3.94 14.99
C GLN B 156 -9.09 3.23 14.62
N PRO B 157 -9.12 2.81 13.35
CA PRO B 157 -10.32 2.15 12.80
C PRO B 157 -10.47 0.76 13.43
N SER B 158 -11.60 0.11 13.21
CA SER B 158 -11.71 -1.28 13.71
C SER B 158 -11.41 -2.21 12.51
N VAL B 159 -11.87 -1.75 11.38
CA VAL B 159 -11.74 -2.44 10.08
C VAL B 159 -10.94 -1.61 9.05
N LEU B 160 -10.43 -2.33 8.06
CA LEU B 160 -9.68 -1.81 6.93
C LEU B 160 -10.52 -0.66 6.30
N GLN B 161 -9.87 0.48 6.08
CA GLN B 161 -10.55 1.66 5.47
C GLN B 161 -10.08 1.81 4.01
N VAL B 162 -10.92 2.49 3.26
CA VAL B 162 -10.58 2.71 1.85
C VAL B 162 -10.95 4.14 1.48
N VAL B 163 -10.21 4.74 0.57
CA VAL B 163 -10.52 6.09 0.03
C VAL B 163 -10.06 6.10 -1.44
N ASN B 164 -10.84 6.82 -2.22
CA ASN B 164 -10.63 7.01 -3.67
C ASN B 164 -10.15 8.45 -3.91
N LEU B 165 -8.98 8.65 -4.48
CA LEU B 165 -8.40 9.98 -4.70
C LEU B 165 -7.88 10.20 -6.12
N PRO B 166 -8.01 11.44 -6.59
CA PRO B 166 -7.54 11.80 -7.94
C PRO B 166 -6.05 12.15 -8.04
N ILE B 167 -5.36 11.67 -9.06
CA ILE B 167 -3.97 12.06 -9.23
C ILE B 167 -3.98 13.58 -9.53
N VAL B 168 -3.02 14.31 -9.03
CA VAL B 168 -2.94 15.78 -9.28
C VAL B 168 -1.74 16.12 -10.19
N GLU B 169 -1.90 17.21 -10.90
CA GLU B 169 -0.90 17.78 -11.82
C GLU B 169 0.40 18.06 -11.09
N ARG B 170 1.52 17.68 -11.65
CA ARG B 170 2.87 17.84 -11.12
C ARG B 170 3.14 19.21 -10.48
N PRO B 171 2.89 20.29 -11.23
CA PRO B 171 3.06 21.67 -10.78
C PRO B 171 2.33 21.96 -9.49
N VAL B 172 1.06 21.59 -9.42
CA VAL B 172 0.31 21.80 -8.17
C VAL B 172 1.01 21.01 -7.05
N CYS B 173 1.52 19.81 -7.37
CA CYS B 173 2.20 18.95 -6.40
C CYS B 173 3.38 19.74 -5.79
N LYS B 174 4.18 20.20 -6.76
CA LYS B 174 5.41 20.97 -6.51
C LYS B 174 5.18 22.26 -5.67
N ASP B 175 4.14 22.98 -6.01
CA ASP B 175 3.73 24.22 -5.40
C ASP B 175 3.11 24.19 -4.01
N SER B 176 2.83 23.00 -3.56
CA SER B 176 2.23 22.72 -2.24
C SER B 176 3.31 22.48 -1.19
N THR B 177 4.58 22.29 -1.52
CA THR B 177 5.54 22.00 -0.42
C THR B 177 6.88 22.68 -0.66
N ARG B 178 7.72 22.66 0.33
CA ARG B 178 9.07 23.23 0.24
C ARG B 178 10.01 22.08 -0.07
N ILE B 179 9.43 20.87 -0.09
CA ILE B 179 10.26 19.68 -0.39
C ILE B 179 10.43 19.54 -1.92
N ARG B 180 11.62 19.08 -2.24
CA ARG B 180 12.00 18.79 -3.62
C ARG B 180 11.52 17.42 -4.13
N ILE B 181 10.49 17.53 -4.96
CA ILE B 181 9.75 16.44 -5.65
C ILE B 181 10.62 15.80 -6.72
N THR B 182 10.73 14.51 -6.98
CA THR B 182 11.47 13.89 -8.10
C THR B 182 10.49 13.17 -9.01
N ASP B 183 10.96 12.65 -10.11
CA ASP B 183 10.22 11.91 -11.11
C ASP B 183 9.80 10.56 -10.50
N ASN B 184 10.50 10.05 -9.50
CA ASN B 184 10.03 8.84 -8.81
C ASN B 184 8.89 9.11 -7.83
N MET B 185 8.14 10.19 -7.84
CA MET B 185 7.04 10.50 -6.95
C MET B 185 5.86 11.04 -7.76
N PHE B 186 4.68 10.99 -7.23
CA PHE B 186 3.44 11.53 -7.80
C PHE B 186 2.66 11.93 -6.53
N CYS B 187 1.76 12.90 -6.68
CA CYS B 187 0.96 13.27 -5.47
C CYS B 187 -0.51 13.05 -5.79
N ALA B 188 -1.32 12.90 -4.76
CA ALA B 188 -2.77 12.69 -5.00
C ALA B 188 -3.62 13.33 -3.88
N GLY B 189 -4.85 13.66 -4.22
CA GLY B 189 -5.76 14.36 -3.36
C GLY B 189 -6.65 15.32 -4.14
N TYR B 190 -7.67 15.74 -3.36
CA TYR B 190 -8.66 16.74 -3.78
C TYR B 190 -8.02 18.10 -3.39
N LYS B 191 -8.36 19.04 -4.23
CA LYS B 191 -8.04 20.47 -4.19
C LYS B 191 -9.09 21.09 -3.27
N PRO B 192 -8.70 22.14 -2.54
CA PRO B 192 -9.62 22.76 -1.59
C PRO B 192 -10.95 23.16 -2.22
N ASP B 193 -10.91 23.63 -3.45
CA ASP B 193 -12.11 24.08 -4.14
C ASP B 193 -12.98 22.86 -4.42
N GLU B 194 -12.38 21.69 -4.56
CA GLU B 194 -13.10 20.46 -4.86
C GLU B 194 -14.10 20.01 -3.82
N GLY B 195 -13.94 20.37 -2.55
CA GLY B 195 -14.91 19.97 -1.52
C GLY B 195 -15.45 18.53 -1.49
N LYS B 196 -14.49 17.64 -1.43
CA LYS B 196 -14.48 16.17 -1.34
C LYS B 196 -13.11 16.03 -0.70
N ARG B 197 -12.91 15.23 0.31
CA ARG B 197 -11.59 15.12 0.95
C ARG B 197 -11.13 13.67 1.18
N GLY B 198 -10.11 13.49 1.99
CA GLY B 198 -9.56 12.15 2.22
C GLY B 198 -8.04 12.15 2.01
N ASP B 199 -7.44 11.16 2.68
CA ASP B 199 -5.97 11.06 2.57
C ASP B 199 -5.52 9.86 3.41
N ALA B 200 -4.26 9.55 3.19
CA ALA B 200 -3.55 8.52 3.94
C ALA B 200 -3.21 9.27 5.27
N CYS B 201 -3.01 8.46 6.30
CA CYS B 201 -2.60 9.07 7.57
C CYS B 201 -1.62 8.12 8.23
N GLU B 202 -1.24 8.53 9.42
CA GLU B 202 -0.28 7.71 10.18
C GLU B 202 -0.65 6.22 10.27
N GLY B 203 0.28 5.37 9.89
CA GLY B 203 0.08 3.92 9.92
C GLY B 203 -0.36 3.28 8.61
N ASP B 204 -0.78 4.13 7.67
CA ASP B 204 -1.17 3.74 6.32
C ASP B 204 0.06 3.57 5.42
N SER B 205 1.12 4.20 5.85
CA SER B 205 2.35 4.23 5.04
C SER B 205 2.81 2.85 4.63
N GLY B 206 3.37 2.78 3.41
CA GLY B 206 3.89 1.55 2.81
C GLY B 206 2.73 0.81 2.14
N GLY B 207 1.49 1.20 2.28
CA GLY B 207 0.38 0.53 1.62
C GLY B 207 0.32 0.96 0.14
N PRO B 208 -0.60 0.25 -0.55
CA PRO B 208 -0.78 0.46 -2.01
C PRO B 208 -1.76 1.52 -2.45
N PHE B 209 -1.38 2.11 -3.58
CA PHE B 209 -2.24 3.09 -4.34
C PHE B 209 -2.50 2.24 -5.62
N VAL B 210 -3.72 1.81 -5.86
CA VAL B 210 -4.07 0.88 -6.97
C VAL B 210 -5.09 1.54 -7.91
N MET B 211 -5.06 0.96 -9.09
CA MET B 211 -5.99 1.42 -10.15
C MET B 211 -6.45 0.15 -10.87
N LYS B 212 -7.66 0.26 -11.36
CA LYS B 212 -8.33 -0.77 -12.16
C LYS B 212 -8.32 -0.48 -13.68
N SER B 213 -7.59 -1.25 -14.45
CA SER B 213 -7.58 -1.03 -15.90
C SER B 213 -8.94 -1.21 -16.53
N PRO B 214 -9.33 -0.20 -17.32
CA PRO B 214 -10.65 -0.28 -18.00
C PRO B 214 -10.47 -1.23 -19.20
N PHE B 215 -9.28 -1.66 -19.62
CA PHE B 215 -9.04 -2.52 -20.77
C PHE B 215 -9.07 -4.04 -20.48
N ASN B 216 -8.33 -4.50 -19.46
CA ASN B 216 -8.32 -5.92 -19.17
C ASN B 216 -8.97 -6.24 -17.82
N ASN B 217 -9.47 -5.21 -17.18
CA ASN B 217 -10.15 -4.94 -15.94
C ASN B 217 -9.57 -5.66 -14.73
N ARG B 218 -8.23 -5.57 -14.67
CA ARG B 218 -7.29 -6.02 -13.66
C ARG B 218 -6.89 -4.87 -12.71
N TRP B 219 -6.54 -5.16 -11.45
CA TRP B 219 -6.14 -4.12 -10.50
C TRP B 219 -4.61 -4.04 -10.58
N TYR B 220 -4.10 -2.84 -10.69
CA TYR B 220 -2.63 -2.62 -10.77
C TYR B 220 -2.14 -1.68 -9.66
N GLN B 221 -0.98 -1.97 -9.12
CA GLN B 221 -0.49 -1.02 -8.08
C GLN B 221 0.39 0.05 -8.78
N MET B 222 -0.03 1.27 -8.87
CA MET B 222 0.67 2.41 -9.46
C MET B 222 1.59 3.05 -8.44
N GLY B 223 1.16 3.18 -7.17
CA GLY B 223 1.94 3.82 -6.13
C GLY B 223 2.04 3.11 -4.78
N ILE B 224 2.98 3.63 -4.01
CA ILE B 224 3.21 3.21 -2.64
C ILE B 224 3.06 4.47 -1.76
N VAL B 225 2.18 4.51 -0.79
CA VAL B 225 1.96 5.55 0.21
C VAL B 225 3.33 5.87 0.85
N SER B 226 3.72 7.13 0.54
CA SER B 226 5.06 7.54 0.97
C SER B 226 5.16 8.59 2.08
N TRP B 227 4.74 9.82 1.82
CA TRP B 227 4.87 10.89 2.83
C TRP B 227 3.83 11.95 2.55
N GLY B 228 3.59 12.77 3.53
CA GLY B 228 2.60 13.86 3.41
C GLY B 228 2.93 14.88 4.52
N GLU B 229 2.21 15.96 4.61
CA GLU B 229 2.43 16.99 5.66
C GLU B 229 1.08 17.12 6.33
N GLY B 230 1.01 16.42 7.45
CA GLY B 230 -0.31 16.33 8.17
C GLY B 230 -1.18 15.31 7.44
N CYS B 231 -2.45 15.22 7.77
CA CYS B 231 -3.31 14.23 7.06
C CYS B 231 -4.51 15.04 6.58
N ASP B 232 -4.96 14.98 5.35
CA ASP B 232 -6.15 15.73 4.89
C ASP B 232 -6.12 17.26 5.03
N ARG B 233 -4.94 17.87 5.02
CA ARG B 233 -4.86 19.35 5.12
C ARG B 233 -5.16 19.95 3.76
N ASP B 234 -5.85 21.08 3.78
CA ASP B 234 -6.20 21.84 2.55
C ASP B 234 -4.95 22.39 1.85
N GLY B 235 -4.93 22.23 0.53
CA GLY B 235 -3.79 22.72 -0.24
C GLY B 235 -2.60 21.79 0.03
N LYS B 236 -2.91 20.65 0.67
CA LYS B 236 -1.81 19.69 0.86
C LYS B 236 -2.26 18.41 0.12
N TYR B 237 -1.30 17.60 -0.30
CA TYR B 237 -1.42 16.35 -1.04
C TYR B 237 -0.58 15.20 -0.46
N GLY B 238 -1.05 13.98 -0.79
CA GLY B 238 -0.22 12.84 -0.36
C GLY B 238 0.75 12.59 -1.53
N PHE B 239 1.93 12.12 -1.19
CA PHE B 239 3.03 11.74 -2.08
C PHE B 239 3.22 10.22 -2.02
N TYR B 240 3.40 9.58 -3.17
CA TYR B 240 3.53 8.16 -3.46
C TYR B 240 4.72 7.80 -4.31
N THR B 241 5.28 6.61 -4.06
CA THR B 241 6.41 6.09 -4.86
C THR B 241 5.87 5.64 -6.24
N HIS B 242 6.52 6.11 -7.29
CA HIS B 242 6.13 5.75 -8.69
C HIS B 242 6.62 4.35 -9.02
N VAL B 243 5.77 3.36 -8.74
CA VAL B 243 6.10 1.91 -8.86
C VAL B 243 6.67 1.60 -10.27
N PHE B 244 6.00 2.18 -11.29
CA PHE B 244 6.50 1.92 -12.65
C PHE B 244 7.96 2.31 -12.83
N ARG B 245 8.31 3.49 -12.39
CA ARG B 245 9.68 3.96 -12.56
C ARG B 245 10.63 3.08 -11.82
N LEU B 246 10.24 2.26 -10.88
CA LEU B 246 11.23 1.47 -10.15
C LEU B 246 11.14 -0.03 -10.42
N LYS B 247 10.42 -0.34 -11.50
CA LYS B 247 10.20 -1.73 -11.93
C LYS B 247 11.49 -2.52 -12.15
N LYS B 248 12.39 -1.87 -12.90
CA LYS B 248 13.65 -2.59 -13.19
C LYS B 248 14.31 -3.06 -11.90
N TRP B 249 14.31 -2.22 -10.89
CA TRP B 249 14.95 -2.61 -9.62
C TRP B 249 14.15 -3.79 -9.04
N ILE B 250 12.85 -3.77 -9.15
CA ILE B 250 11.97 -4.83 -8.64
C ILE B 250 12.29 -6.12 -9.41
N GLN B 251 12.17 -6.11 -10.72
CA GLN B 251 12.44 -7.32 -11.52
C GLN B 251 13.76 -7.98 -11.15
N LYS B 252 14.68 -7.06 -11.03
CA LYS B 252 16.07 -7.31 -10.69
C LYS B 252 16.29 -8.19 -9.47
N VAL B 253 15.80 -7.68 -8.34
CA VAL B 253 15.98 -8.41 -7.09
C VAL B 253 15.19 -9.73 -7.07
N ILE B 254 14.12 -9.87 -7.82
CA ILE B 254 13.32 -11.09 -7.85
C ILE B 254 14.01 -12.14 -8.72
N ASP B 255 14.60 -11.66 -9.80
CA ASP B 255 15.35 -12.40 -10.81
C ASP B 255 16.68 -12.83 -10.18
N GLN B 256 17.23 -12.00 -9.31
CA GLN B 256 18.51 -12.27 -8.65
C GLN B 256 18.41 -13.10 -7.38
N PHE B 257 17.35 -12.87 -6.62
CA PHE B 257 17.23 -13.61 -5.35
C PHE B 257 15.91 -14.29 -5.04
N GLY B 258 15.02 -14.50 -5.99
CA GLY B 258 13.82 -15.16 -5.43
C GLY B 258 13.05 -16.00 -6.44
N GLU B 259 11.74 -15.80 -6.21
CA GLU B 259 10.63 -16.40 -6.95
C GLU B 259 10.58 -16.24 -8.48
N SER C 1 -1.62 -5.90 23.08
CA SER C 1 -2.21 -4.64 23.60
C SER C 1 -3.15 -4.14 22.49
N ASP C 2 -4.36 -3.72 22.85
CA ASP C 2 -5.21 -3.30 21.69
C ASP C 2 -5.39 -4.61 20.94
N PHE C 3 -4.30 -5.11 20.44
CA PHE C 3 -4.11 -6.32 19.66
C PHE C 3 -4.44 -7.58 20.44
N GLU C 4 -5.21 -8.44 19.81
CA GLU C 4 -5.61 -9.75 20.36
C GLU C 4 -4.44 -10.70 20.10
N GLU C 5 -4.07 -11.51 21.09
CA GLU C 5 -2.94 -12.44 20.99
C GLU C 5 -3.17 -13.64 20.06
N PHE C 6 -2.03 -14.04 19.51
CA PHE C 6 -1.96 -15.20 18.61
C PHE C 6 -0.72 -15.93 19.15
N SER C 7 -0.73 -17.22 18.83
CA SER C 7 0.35 -18.11 19.27
C SER C 7 1.41 -18.19 18.18
N LEU C 8 2.56 -18.59 18.69
CA LEU C 8 3.74 -18.75 17.81
C LEU C 8 3.50 -20.02 17.02
N ASP C 9 2.32 -20.58 17.24
CA ASP C 9 1.88 -21.80 16.55
C ASP C 9 0.93 -21.41 15.42
N ASP C 10 0.65 -20.15 15.31
CA ASP C 10 -0.22 -19.52 14.31
C ASP C 10 0.61 -18.95 13.16
N ILE C 11 1.90 -18.91 13.46
CA ILE C 11 2.97 -18.35 12.62
C ILE C 11 3.36 -19.25 11.45
N GLU C 12 4.27 -18.79 10.63
CA GLU C 12 4.76 -19.36 9.38
C GLU C 12 3.63 -20.03 8.60
N GLN C 13 2.79 -19.23 7.99
CA GLN C 13 1.61 -19.66 7.21
C GLN C 13 0.38 -19.80 8.12
#